data_7W7L
#
_entry.id   7W7L
#
_cell.length_a   225.276
_cell.length_b   225.276
_cell.length_c   96.937
_cell.angle_alpha   90.000
_cell.angle_beta   90.000
_cell.angle_gamma   120.000
#
_symmetry.space_group_name_H-M   'P 62 2 2'
#
loop_
_entity.id
_entity.type
_entity.pdbx_description
1 polymer 'Nuclear factor NF-kappa-B p52 subunit'
2 polymer "DNA (5'-D(*GP*GP*GP*GP*GP*TP*AP*AP*CP*CP*CP*CP*T)-3')"
3 polymer "DNA (5'-D(*AP*GP*GP*GP*GP*TP*TP*AP*CP*CP*CP*CP*C)-3')"
4 water water
#
loop_
_entity_poly.entity_id
_entity_poly.type
_entity_poly.pdbx_seq_one_letter_code
_entity_poly.pdbx_strand_id
1 'polypeptide(L)'
;MESCYNPGLDGIIEYDDFKLNSSIVEPKEPAPETADGPYLVIVEQPKQRGFRFRYGCEGPSHGGLPGASSEKGRKTYPTV
KICNYEGPAKIEVDLVTHSDPPRAHAHSLVGKQCSELGICAVSVGPKDMTAQFNNLGVLHVTKKNMMGTMIQKLQRQRLR
SRPQGLTEAEQRELEQEAKELKKVMDLSIVRLRFSAFLRASDGSFSLPLKPVISQPIHDSKSPGASNLKISRMDKTAGSV
RGGDEVYLLCDKVQKDDIEVRFYEDDENGWQAFGDFSPTDVHKQYAIVFRTPPYHKMKIERPVTVFLQLKRKRGGDVSDS
KQFTYYP
;
A,B
2 'polydeoxyribonucleotide' (DG)(DG)(DG)(DG)(DG)(DT)(DA)(DA)(DC)(DC)(DC)(DC)(DT) C
3 'polydeoxyribonucleotide' (DA)(DG)(DG)(DG)(DG)(DT)(DT)(DA)(DC)(DC)(DC)(DC)(DC) D
#
loop_
_chem_comp.id
_chem_comp.type
_chem_comp.name
_chem_comp.formula
DA DNA linking 2'-DEOXYADENOSINE-5'-MONOPHOSPHATE 'C10 H14 N5 O6 P'
DC DNA linking 2'-DEOXYCYTIDINE-5'-MONOPHOSPHATE 'C9 H14 N3 O7 P'
DG DNA linking 2'-DEOXYGUANOSINE-5'-MONOPHOSPHATE 'C10 H14 N5 O7 P'
DT DNA linking THYMIDINE-5'-MONOPHOSPHATE 'C10 H15 N2 O8 P'
#
# COMPACT_ATOMS: atom_id res chain seq x y z
N GLU A 33 -34.55 -11.53 29.87
CA GLU A 33 -34.04 -11.72 28.48
C GLU A 33 -35.13 -12.40 27.65
N THR A 34 -35.44 -13.67 27.95
CA THR A 34 -36.27 -14.59 27.11
C THR A 34 -37.69 -14.76 27.69
N ALA A 35 -38.02 -14.12 28.82
CA ALA A 35 -39.38 -14.03 29.39
C ALA A 35 -39.55 -12.67 30.08
N ASP A 36 -38.93 -11.63 29.55
CA ASP A 36 -39.30 -10.22 29.81
C ASP A 36 -39.91 -9.67 28.52
N GLY A 37 -40.42 -10.57 27.65
CA GLY A 37 -41.23 -10.18 26.48
C GLY A 37 -40.64 -10.63 25.12
N PRO A 38 -40.91 -9.89 24.00
CA PRO A 38 -40.29 -10.18 22.70
C PRO A 38 -38.88 -9.57 22.57
N TYR A 39 -37.98 -10.33 21.96
CA TYR A 39 -36.56 -10.05 21.85
C TYR A 39 -36.05 -10.57 20.50
N LEU A 40 -34.89 -10.01 20.11
CA LEU A 40 -34.18 -10.35 18.86
C LEU A 40 -33.18 -11.45 19.17
N VAL A 41 -32.89 -12.33 18.22
CA VAL A 41 -31.68 -13.18 18.29
C VAL A 41 -31.00 -13.19 16.93
N ILE A 42 -29.70 -13.12 16.96
CA ILE A 42 -28.87 -13.26 15.73
C ILE A 42 -28.79 -14.74 15.36
N VAL A 43 -29.49 -15.13 14.30
CA VAL A 43 -29.51 -16.53 13.81
C VAL A 43 -28.18 -16.89 13.16
N GLU A 44 -27.55 -15.91 12.51
CA GLU A 44 -26.29 -16.07 11.75
C GLU A 44 -25.51 -14.75 11.87
N GLN A 45 -24.40 -14.78 12.60
CA GLN A 45 -23.55 -13.59 12.79
C GLN A 45 -22.85 -13.15 11.51
N PRO A 46 -22.35 -11.90 11.43
CA PRO A 46 -21.52 -11.52 10.28
C PRO A 46 -20.14 -12.19 10.39
N LYS A 47 -19.47 -12.35 9.26
CA LYS A 47 -18.13 -12.96 9.20
C LYS A 47 -17.15 -11.99 9.83
N GLN A 48 -16.48 -12.44 10.88
CA GLN A 48 -15.56 -11.57 11.65
C GLN A 48 -14.32 -11.16 10.84
N ARG A 49 -13.95 -12.00 9.90
CA ARG A 49 -12.68 -11.75 9.15
C ARG A 49 -12.82 -12.01 7.66
N GLY A 50 -12.15 -11.20 6.87
CA GLY A 50 -12.11 -11.40 5.43
C GLY A 50 -13.01 -10.45 4.69
N PHE A 51 -13.74 -9.59 5.38
CA PHE A 51 -14.61 -8.62 4.66
C PHE A 51 -13.93 -7.27 4.55
N ARG A 52 -13.97 -6.73 3.34
CA ARG A 52 -13.27 -5.45 3.08
C ARG A 52 -14.25 -4.27 3.19
N PHE A 53 -13.90 -3.27 4.01
CA PHE A 53 -14.63 -2.01 4.12
C PHE A 53 -14.18 -1.14 2.96
N ARG A 54 -15.12 -0.53 2.30
CA ARG A 54 -14.83 0.30 1.09
C ARG A 54 -14.93 1.80 1.35
N TYR A 55 -14.01 2.57 0.78
CA TYR A 55 -14.08 4.03 0.82
C TYR A 55 -15.10 4.45 -0.24
N GLY A 56 -15.72 5.61 -0.08
CA GLY A 56 -16.85 5.99 -0.93
C GLY A 56 -16.43 6.03 -2.38
N CYS A 57 -15.16 6.30 -2.61
CA CYS A 57 -14.64 6.50 -3.97
C CYS A 57 -14.38 5.19 -4.72
N GLU A 58 -14.27 4.09 -4.01
CA GLU A 58 -13.91 2.80 -4.67
C GLU A 58 -15.07 2.33 -5.54
N GLY A 59 -16.28 2.64 -5.10
CA GLY A 59 -17.46 2.16 -5.84
C GLY A 59 -18.57 1.79 -4.90
N PRO A 60 -19.77 1.58 -5.46
CA PRO A 60 -20.95 1.33 -4.64
C PRO A 60 -21.30 -0.16 -4.48
N SER A 61 -20.70 -1.04 -5.28
CA SER A 61 -21.21 -2.41 -5.48
C SER A 61 -20.10 -3.42 -5.62
N HIS A 62 -19.38 -3.59 -4.52
CA HIS A 62 -18.19 -4.48 -4.44
C HIS A 62 -18.47 -5.75 -3.65
N GLY A 63 -19.66 -5.90 -3.07
CA GLY A 63 -20.08 -7.20 -2.54
C GLY A 63 -20.41 -7.14 -1.07
N GLY A 64 -21.33 -8.00 -0.66
CA GLY A 64 -22.09 -7.85 0.61
C GLY A 64 -21.42 -8.52 1.79
N LEU A 65 -21.48 -7.88 2.96
CA LEU A 65 -21.00 -8.46 4.22
C LEU A 65 -21.72 -9.79 4.38
N PRO A 66 -21.03 -10.94 4.25
CA PRO A 66 -21.66 -12.26 4.41
C PRO A 66 -21.84 -12.81 5.84
N GLY A 67 -22.43 -14.00 5.98
CA GLY A 67 -22.64 -14.64 7.28
C GLY A 67 -21.40 -15.32 7.80
N ALA A 68 -21.41 -15.72 9.05
CA ALA A 68 -20.16 -16.23 9.68
C ALA A 68 -19.79 -17.56 9.04
N SER A 69 -20.81 -18.26 8.50
CA SER A 69 -20.64 -19.56 7.84
C SER A 69 -20.89 -19.54 6.34
N SER A 70 -20.63 -18.42 5.69
CA SER A 70 -20.68 -18.31 4.20
C SER A 70 -19.49 -19.09 3.62
N GLU A 71 -19.62 -19.49 2.36
CA GLU A 71 -18.54 -20.00 1.48
C GLU A 71 -19.05 -20.00 0.04
N LYS A 72 -18.19 -20.15 -0.96
CA LYS A 72 -18.61 -19.92 -2.36
C LYS A 72 -19.60 -21.02 -2.77
N GLY A 73 -19.56 -22.21 -2.16
CA GLY A 73 -20.58 -23.27 -2.35
C GLY A 73 -21.98 -22.76 -2.06
N ARG A 74 -22.19 -22.18 -0.87
CA ARG A 74 -23.50 -21.69 -0.39
C ARG A 74 -23.28 -20.42 0.42
N LYS A 75 -23.90 -19.33 0.00
CA LYS A 75 -23.67 -18.02 0.67
C LYS A 75 -24.68 -17.80 1.77
N THR A 76 -24.20 -17.30 2.90
CA THR A 76 -25.05 -16.94 4.03
C THR A 76 -24.80 -15.45 4.30
N TYR A 77 -25.80 -14.79 4.88
CA TYR A 77 -25.74 -13.35 5.22
C TYR A 77 -26.19 -13.23 6.67
N PRO A 78 -25.80 -12.15 7.36
CA PRO A 78 -26.24 -12.01 8.76
C PRO A 78 -27.77 -12.08 8.86
N THR A 79 -28.28 -12.91 9.78
CA THR A 79 -29.71 -13.20 9.95
C THR A 79 -30.07 -13.03 11.41
N VAL A 80 -31.26 -12.53 11.64
CA VAL A 80 -31.80 -12.28 12.99
C VAL A 80 -33.27 -12.68 12.97
N LYS A 81 -33.82 -13.02 14.13
CA LYS A 81 -35.25 -13.33 14.20
C LYS A 81 -35.84 -12.70 15.44
N ILE A 82 -37.06 -12.20 15.32
CA ILE A 82 -37.91 -11.90 16.51
C ILE A 82 -38.60 -13.15 17.07
N CYS A 83 -38.42 -13.40 18.35
CA CYS A 83 -39.05 -14.47 19.14
C CYS A 83 -40.09 -13.85 20.07
N ASN A 84 -41.10 -14.64 20.41
CA ASN A 84 -42.17 -14.35 21.39
C ASN A 84 -43.12 -13.29 20.87
N TYR A 85 -43.30 -13.20 19.56
CA TYR A 85 -44.22 -12.22 18.94
C TYR A 85 -44.32 -12.53 17.44
N GLU A 86 -45.51 -12.38 16.87
CA GLU A 86 -45.76 -12.62 15.42
C GLU A 86 -46.55 -11.44 14.87
N GLY A 87 -46.35 -11.12 13.60
CA GLY A 87 -46.98 -9.97 12.92
C GLY A 87 -45.96 -8.91 12.55
N PRO A 88 -46.36 -7.90 11.76
CA PRO A 88 -45.41 -6.93 11.20
C PRO A 88 -44.39 -6.38 12.20
N ALA A 89 -43.11 -6.42 11.83
CA ALA A 89 -42.06 -5.64 12.51
C ALA A 89 -41.04 -5.13 11.52
N LYS A 90 -40.27 -4.15 11.98
CA LYS A 90 -39.19 -3.50 11.24
C LYS A 90 -37.91 -3.63 12.06
N ILE A 91 -36.90 -4.28 11.45
CA ILE A 91 -35.54 -4.39 12.05
C ILE A 91 -34.55 -3.49 11.33
N GLU A 92 -33.90 -2.59 12.03
CA GLU A 92 -32.90 -1.68 11.49
C GLU A 92 -31.53 -2.19 11.92
N VAL A 93 -30.53 -1.94 11.08
CA VAL A 93 -29.14 -2.35 11.46
C VAL A 93 -28.28 -1.13 11.26
N ASP A 94 -27.27 -0.94 12.10
CA ASP A 94 -26.40 0.24 12.04
C ASP A 94 -25.09 -0.12 12.73
N LEU A 95 -24.05 0.62 12.44
CA LEU A 95 -22.73 0.26 12.97
C LEU A 95 -22.41 0.92 14.33
N VAL A 96 -22.09 0.09 15.30
CA VAL A 96 -21.65 0.55 16.63
C VAL A 96 -20.18 0.22 16.88
N THR A 97 -19.59 0.93 17.81
CA THR A 97 -18.19 0.71 18.19
C THR A 97 -17.99 -0.70 18.70
N HIS A 98 -16.72 -1.08 18.75
CA HIS A 98 -16.18 -2.33 19.31
C HIS A 98 -16.26 -2.27 20.83
N SER A 99 -16.14 -1.06 21.33
CA SER A 99 -16.18 -0.74 22.77
C SER A 99 -17.54 -1.17 23.30
N ASP A 100 -17.66 -1.65 24.51
CA ASP A 100 -18.97 -2.23 24.92
C ASP A 100 -19.98 -1.21 25.45
N PRO A 101 -19.66 0.06 25.79
CA PRO A 101 -20.73 1.04 25.88
C PRO A 101 -21.06 1.36 24.42
N PRO A 102 -21.97 0.60 23.78
CA PRO A 102 -22.18 0.66 22.34
C PRO A 102 -22.55 2.03 21.80
N ARG A 103 -21.60 2.60 21.08
CA ARG A 103 -21.77 3.97 20.58
C ARG A 103 -21.74 3.90 19.07
N ALA A 104 -22.47 4.79 18.41
CA ALA A 104 -22.53 4.86 16.93
C ALA A 104 -21.17 5.09 16.28
N HIS A 105 -20.86 4.30 15.26
CA HIS A 105 -19.56 4.34 14.55
C HIS A 105 -19.57 5.37 13.41
N ALA A 106 -18.40 5.94 13.13
CA ALA A 106 -18.22 6.97 12.10
C ALA A 106 -18.57 6.32 10.75
N HIS A 107 -18.36 5.01 10.65
CA HIS A 107 -18.64 4.28 9.38
C HIS A 107 -20.13 4.06 9.25
N SER A 108 -20.59 3.93 8.01
CA SER A 108 -22.01 3.70 7.67
C SER A 108 -22.23 2.40 6.89
N LEU A 109 -23.35 1.73 7.17
CA LEU A 109 -23.76 0.59 6.33
C LEU A 109 -24.24 1.19 5.02
N VAL A 110 -23.94 0.52 3.93
CA VAL A 110 -24.46 1.01 2.63
C VAL A 110 -25.15 -0.17 1.96
N GLY A 111 -25.97 0.04 0.95
CA GLY A 111 -26.52 -1.09 0.16
C GLY A 111 -27.99 -1.02 -0.15
N LYS A 112 -28.51 -2.07 -0.77
CA LYS A 112 -29.88 -2.03 -1.33
C LYS A 112 -30.85 -1.66 -0.18
N GLN A 113 -30.71 -2.30 0.96
CA GLN A 113 -31.72 -2.14 2.06
C GLN A 113 -31.61 -0.76 2.72
N CYS A 114 -30.76 0.16 2.30
CA CYS A 114 -30.53 1.44 3.02
C CYS A 114 -31.07 2.62 2.24
N SER A 115 -31.29 3.73 2.97
CA SER A 115 -31.91 4.96 2.47
C SER A 115 -30.82 5.88 1.99
N GLU A 116 -31.22 7.11 1.78
CA GLU A 116 -30.32 8.17 1.28
C GLU A 116 -29.02 8.21 2.08
N LEU A 117 -29.20 8.49 3.36
CA LEU A 117 -28.21 8.24 4.42
C LEU A 117 -28.89 7.47 5.54
N GLY A 118 -30.21 7.36 5.46
CA GLY A 118 -31.03 6.64 6.43
C GLY A 118 -30.64 5.18 6.43
N ILE A 119 -30.58 4.58 7.61
CA ILE A 119 -29.87 3.28 7.81
C ILE A 119 -30.72 2.12 7.30
N CYS A 120 -30.07 0.99 7.24
CA CYS A 120 -30.59 -0.25 6.64
C CYS A 120 -31.70 -0.85 7.52
N ALA A 121 -32.67 -1.43 6.85
CA ALA A 121 -33.97 -1.74 7.47
C ALA A 121 -34.54 -2.89 6.70
N VAL A 122 -35.02 -3.90 7.42
CA VAL A 122 -35.84 -5.00 6.80
C VAL A 122 -37.14 -5.21 7.57
N SER A 123 -38.12 -5.76 6.84
CA SER A 123 -39.52 -5.89 7.29
C SER A 123 -39.82 -7.37 7.51
N VAL A 124 -40.27 -7.76 8.69
CA VAL A 124 -40.65 -9.19 8.90
C VAL A 124 -42.16 -9.33 8.73
N GLY A 125 -42.58 -10.02 7.66
CA GLY A 125 -44.00 -10.42 7.48
C GLY A 125 -44.36 -11.56 8.43
N PRO A 126 -45.64 -11.71 8.84
CA PRO A 126 -45.98 -12.45 10.06
C PRO A 126 -45.65 -13.94 10.10
N LYS A 127 -45.61 -14.60 8.94
CA LYS A 127 -45.40 -16.06 8.87
C LYS A 127 -43.95 -16.41 9.18
N ASP A 128 -43.05 -15.68 8.51
CA ASP A 128 -41.59 -15.78 8.66
C ASP A 128 -41.08 -14.55 9.38
N MET A 129 -40.56 -14.75 10.58
CA MET A 129 -40.21 -13.65 11.50
C MET A 129 -38.72 -13.40 11.48
N THR A 130 -38.03 -13.87 10.45
CA THR A 130 -36.57 -13.80 10.35
C THR A 130 -36.17 -12.87 9.22
N ALA A 131 -35.14 -12.07 9.45
CA ALA A 131 -34.64 -11.10 8.45
C ALA A 131 -33.21 -11.46 8.10
N GLN A 132 -32.99 -11.75 6.82
CA GLN A 132 -31.63 -11.69 6.18
C GLN A 132 -31.21 -10.28 5.72
N PHE A 133 -30.00 -9.86 6.00
CA PHE A 133 -29.37 -8.69 5.37
C PHE A 133 -28.26 -9.10 4.40
N ASN A 134 -28.63 -9.17 3.13
CA ASN A 134 -27.84 -9.93 2.14
C ASN A 134 -27.04 -8.98 1.27
N ASN A 135 -27.14 -7.68 1.46
CA ASN A 135 -26.40 -6.77 0.57
C ASN A 135 -25.88 -5.58 1.36
N LEU A 136 -25.05 -5.86 2.34
CA LEU A 136 -24.59 -4.89 3.34
C LEU A 136 -23.15 -4.47 3.07
N GLY A 137 -22.91 -3.17 2.91
CA GLY A 137 -21.55 -2.67 2.71
C GLY A 137 -21.13 -1.85 3.90
N VAL A 138 -19.83 -1.57 4.02
CA VAL A 138 -19.34 -0.70 5.10
C VAL A 138 -18.59 0.43 4.44
N LEU A 139 -19.13 1.63 4.46
CA LEU A 139 -18.51 2.81 3.83
C LEU A 139 -17.45 3.29 4.77
N HIS A 140 -16.20 3.29 4.36
CA HIS A 140 -15.07 3.73 5.21
C HIS A 140 -14.94 5.26 5.21
N VAL A 141 -15.07 5.90 6.38
CA VAL A 141 -14.93 7.37 6.44
C VAL A 141 -13.45 7.66 6.53
N THR A 142 -12.95 8.69 5.85
CA THR A 142 -11.55 9.10 5.98
C THR A 142 -11.38 9.77 7.34
N LYS A 143 -10.15 9.77 7.85
CA LYS A 143 -9.90 10.43 9.17
C LYS A 143 -10.28 11.91 8.98
N LYS A 144 -9.91 12.42 7.82
CA LYS A 144 -10.09 13.84 7.44
C LYS A 144 -11.59 14.12 7.46
N ASN A 145 -12.43 13.08 7.50
CA ASN A 145 -13.88 13.33 7.52
C ASN A 145 -14.45 13.03 8.86
N MET A 146 -13.80 12.14 9.61
CA MET A 146 -14.39 11.52 10.81
C MET A 146 -15.15 12.41 11.78
N MET A 147 -14.59 13.55 12.16
CA MET A 147 -15.23 14.46 13.12
C MET A 147 -16.54 15.03 12.59
N GLY A 148 -16.45 15.64 11.42
CA GLY A 148 -17.63 16.25 10.78
C GLY A 148 -18.74 15.21 10.69
N THR A 149 -18.39 14.03 10.21
CA THR A 149 -19.35 12.94 9.98
C THR A 149 -19.89 12.48 11.32
N MET A 150 -19.03 12.46 12.34
CA MET A 150 -19.55 12.10 13.66
C MET A 150 -20.42 13.17 14.31
N ILE A 151 -20.07 14.47 14.27
CA ILE A 151 -20.99 15.53 14.82
C ILE A 151 -22.35 15.40 14.12
N GLN A 152 -22.30 15.19 12.82
CA GLN A 152 -23.50 15.13 11.97
C GLN A 152 -24.41 13.96 12.41
N LYS A 153 -23.79 13.05 13.14
CA LYS A 153 -24.52 11.85 13.65
C LYS A 153 -25.04 12.02 15.07
N LEU A 154 -24.23 12.65 15.95
CA LEU A 154 -24.54 12.90 17.38
C LEU A 154 -25.73 13.88 17.56
N GLN A 155 -25.80 14.89 16.71
CA GLN A 155 -26.89 15.83 16.53
C GLN A 155 -28.16 15.02 16.47
N ARG A 156 -28.15 14.09 15.52
CA ARG A 156 -29.34 13.30 15.19
C ARG A 156 -29.81 12.52 16.41
N GLN A 157 -28.84 12.00 17.15
CA GLN A 157 -29.14 11.27 18.40
C GLN A 157 -29.63 12.26 19.46
N ARG A 158 -29.04 13.46 19.53
CA ARG A 158 -29.52 14.47 20.48
C ARG A 158 -30.98 14.76 20.18
N LEU A 159 -31.27 15.01 18.89
CA LEU A 159 -32.64 15.21 18.33
C LEU A 159 -33.28 13.86 17.94
N ARG A 160 -33.33 12.94 18.90
CA ARG A 160 -33.92 11.57 18.80
C ARG A 160 -34.92 11.43 19.96
N SER A 161 -34.50 10.91 21.12
CA SER A 161 -35.33 10.82 22.35
C SER A 161 -35.55 12.22 22.95
N ARG A 162 -34.48 13.03 23.02
CA ARG A 162 -34.41 14.33 23.74
C ARG A 162 -35.07 15.40 22.86
N PRO A 163 -35.37 16.61 23.40
CA PRO A 163 -36.12 17.64 22.66
C PRO A 163 -35.54 18.22 21.36
N GLN A 164 -36.36 19.01 20.69
CA GLN A 164 -36.05 19.52 19.30
C GLN A 164 -34.78 20.39 19.02
N GLY A 165 -34.29 21.30 19.88
CA GLY A 165 -33.15 22.20 19.54
C GLY A 165 -31.88 22.06 20.37
N LEU A 166 -30.79 22.59 19.82
CA LEU A 166 -29.48 22.66 20.50
C LEU A 166 -29.03 24.11 20.68
N THR A 167 -28.81 24.48 21.94
CA THR A 167 -28.20 25.76 22.30
C THR A 167 -26.74 25.66 21.88
N GLU A 168 -26.07 26.79 21.80
CA GLU A 168 -24.62 26.82 21.47
C GLU A 168 -23.79 26.00 22.45
N ALA A 169 -24.20 26.03 23.70
CA ALA A 169 -23.55 25.22 24.74
C ALA A 169 -23.87 23.77 24.41
N GLU A 170 -25.10 23.51 24.00
CA GLU A 170 -25.56 22.16 23.63
C GLU A 170 -24.63 21.62 22.55
N GLN A 171 -24.30 22.52 21.62
CA GLN A 171 -23.50 22.13 20.43
C GLN A 171 -21.99 22.13 20.65
N ARG A 172 -21.41 23.13 21.29
CA ARG A 172 -20.03 23.10 21.80
C ARG A 172 -19.74 21.78 22.52
N GLU A 173 -20.68 21.25 23.25
CA GLU A 173 -20.52 20.03 24.10
C GLU A 173 -20.61 18.75 23.29
N LEU A 174 -21.39 18.78 22.23
CA LEU A 174 -21.61 17.69 21.28
C LEU A 174 -20.27 17.55 20.56
N GLU A 175 -19.68 18.70 20.21
CA GLU A 175 -18.40 18.70 19.48
C GLU A 175 -17.32 18.19 20.41
N GLN A 176 -17.57 18.28 21.73
CA GLN A 176 -16.57 17.77 22.71
C GLN A 176 -16.40 16.28 22.42
N GLU A 177 -17.59 15.60 22.44
CA GLU A 177 -17.71 14.15 22.36
C GLU A 177 -16.91 13.73 21.14
N ALA A 178 -17.26 14.34 20.02
CA ALA A 178 -16.64 14.08 18.72
C ALA A 178 -15.12 13.99 18.83
N LYS A 179 -14.51 14.98 19.46
CA LYS A 179 -13.05 15.09 19.60
C LYS A 179 -12.51 13.90 20.37
N GLU A 180 -13.08 13.67 21.56
CA GLU A 180 -12.64 12.61 22.46
C GLU A 180 -13.23 11.24 22.13
N LEU A 181 -13.99 11.17 21.03
CA LEU A 181 -14.54 9.88 20.56
C LEU A 181 -13.66 9.46 19.41
N LYS A 182 -13.13 10.44 18.69
CA LYS A 182 -12.18 10.23 17.59
C LYS A 182 -10.82 9.73 18.09
N LYS A 183 -10.45 10.05 19.32
CA LYS A 183 -9.13 9.62 19.88
C LYS A 183 -9.10 8.12 20.17
N VAL A 184 -10.28 7.54 20.42
CA VAL A 184 -10.44 6.17 20.98
C VAL A 184 -11.26 5.26 20.08
N MET A 185 -11.51 5.64 18.82
CA MET A 185 -12.39 4.82 17.97
C MET A 185 -11.58 4.07 16.91
N ASP A 186 -11.74 2.75 16.88
CA ASP A 186 -11.05 1.87 15.93
C ASP A 186 -11.83 1.84 14.61
N LEU A 187 -11.25 2.41 13.57
CA LEU A 187 -11.96 2.44 12.26
C LEU A 187 -11.82 1.12 11.51
N SER A 188 -11.17 0.12 12.09
CA SER A 188 -11.01 -1.18 11.43
C SER A 188 -11.90 -2.25 12.04
N ILE A 189 -12.58 -1.91 13.13
CA ILE A 189 -13.51 -2.87 13.76
C ILE A 189 -14.89 -2.25 13.99
N VAL A 190 -15.93 -2.94 13.54
CA VAL A 190 -17.33 -2.50 13.75
C VAL A 190 -18.13 -3.65 14.31
N ARG A 191 -19.29 -3.34 14.88
CA ARG A 191 -20.31 -4.31 15.27
C ARG A 191 -21.64 -3.89 14.67
N LEU A 192 -22.39 -4.84 14.15
CA LEU A 192 -23.79 -4.63 13.73
C LEU A 192 -24.61 -4.47 14.99
N ARG A 193 -25.56 -3.56 14.95
CA ARG A 193 -26.56 -3.41 16.01
C ARG A 193 -27.89 -3.51 15.33
N PHE A 194 -28.62 -4.56 15.67
CA PHE A 194 -29.98 -4.84 15.17
C PHE A 194 -30.98 -4.26 16.16
N SER A 195 -31.85 -3.40 15.67
CA SER A 195 -32.83 -2.69 16.50
C SER A 195 -34.17 -3.04 15.93
N ALA A 196 -34.92 -3.90 16.58
CA ALA A 196 -36.26 -4.34 16.11
C ALA A 196 -37.39 -3.44 16.62
N PHE A 197 -38.36 -3.16 15.76
CA PHE A 197 -39.43 -2.17 16.06
C PHE A 197 -40.83 -2.75 15.86
N LEU A 198 -41.78 -2.28 16.65
CA LEU A 198 -43.16 -2.74 16.43
C LEU A 198 -44.10 -1.56 16.33
N ARG A 199 -45.23 -1.76 15.66
CA ARG A 199 -46.25 -0.72 15.42
C ARG A 199 -46.68 -0.15 16.78
N ALA A 200 -46.44 1.15 17.03
CA ALA A 200 -46.86 1.87 18.25
C ALA A 200 -48.31 2.36 18.15
N SER A 201 -48.72 3.25 19.07
CA SER A 201 -50.11 3.77 19.26
C SER A 201 -50.79 4.03 17.92
N ASP A 202 -50.13 4.83 17.07
CA ASP A 202 -50.67 5.36 15.79
C ASP A 202 -50.51 4.33 14.66
N GLY A 203 -49.83 3.21 14.92
CA GLY A 203 -49.45 2.24 13.88
C GLY A 203 -48.10 2.56 13.26
N SER A 204 -47.41 3.60 13.77
CA SER A 204 -46.03 4.01 13.39
C SER A 204 -45.02 3.18 14.20
N PHE A 205 -44.11 2.49 13.54
CA PHE A 205 -43.20 1.51 14.19
C PHE A 205 -42.12 2.27 14.96
N SER A 206 -42.42 2.81 16.13
CA SER A 206 -41.42 3.55 16.93
C SER A 206 -41.35 2.99 18.35
N LEU A 207 -42.13 1.98 18.67
CA LEU A 207 -41.95 1.26 19.96
C LEU A 207 -40.93 0.15 19.77
N PRO A 208 -39.74 0.24 20.42
CA PRO A 208 -38.63 -0.67 20.18
C PRO A 208 -38.49 -1.84 21.16
N LEU A 209 -37.62 -2.77 20.79
CA LEU A 209 -37.18 -3.93 21.57
C LEU A 209 -35.81 -3.58 22.09
N LYS A 210 -35.33 -4.29 23.10
CA LYS A 210 -33.87 -4.24 23.43
C LYS A 210 -33.04 -4.62 22.21
N PRO A 211 -32.02 -3.77 21.81
CA PRO A 211 -31.11 -3.99 20.68
C PRO A 211 -30.02 -5.04 20.95
N VAL A 212 -29.80 -5.86 19.93
CA VAL A 212 -28.86 -6.99 19.99
C VAL A 212 -27.61 -6.72 19.16
N ILE A 213 -26.47 -6.70 19.86
CA ILE A 213 -25.15 -6.44 19.21
C ILE A 213 -24.38 -7.69 18.79
N SER A 214 -23.95 -7.70 17.55
CA SER A 214 -23.18 -8.82 16.94
C SER A 214 -21.74 -8.82 17.40
N GLN A 215 -21.07 -9.90 17.05
CA GLN A 215 -19.62 -10.09 17.23
C GLN A 215 -18.88 -9.13 16.27
N PRO A 216 -17.62 -8.79 16.63
CA PRO A 216 -16.89 -7.71 15.95
C PRO A 216 -16.52 -8.08 14.52
N ILE A 217 -16.36 -7.10 13.64
CA ILE A 217 -16.10 -7.37 12.22
C ILE A 217 -14.83 -6.63 11.90
N HIS A 218 -13.81 -7.34 11.51
CA HIS A 218 -12.53 -6.68 11.16
C HIS A 218 -12.48 -6.35 9.68
N ASP A 219 -11.91 -5.18 9.40
CA ASP A 219 -11.63 -4.75 8.02
C ASP A 219 -10.46 -5.60 7.50
N SER A 220 -10.73 -6.34 6.44
CA SER A 220 -9.69 -7.19 5.79
C SER A 220 -8.55 -6.34 5.24
N LYS A 221 -8.76 -5.06 5.07
CA LYS A 221 -7.71 -4.20 4.53
C LYS A 221 -6.86 -3.57 5.60
N SER A 222 -7.24 -3.71 6.87
CA SER A 222 -6.36 -3.30 7.97
C SER A 222 -5.22 -4.32 7.96
N PRO A 223 -3.96 -3.89 7.89
CA PRO A 223 -2.83 -4.84 7.70
C PRO A 223 -2.82 -6.03 8.66
N GLY A 224 -2.56 -7.22 8.09
CA GLY A 224 -2.53 -8.50 8.81
C GLY A 224 -3.81 -8.86 9.52
N ALA A 225 -4.91 -8.18 9.22
CA ALA A 225 -6.20 -8.31 9.94
C ALA A 225 -7.26 -9.05 9.11
N SER A 226 -6.80 -9.66 8.01
CA SER A 226 -7.63 -10.64 7.27
C SER A 226 -7.59 -12.05 7.87
N ASN A 227 -8.12 -13.02 7.15
CA ASN A 227 -7.97 -14.42 7.61
C ASN A 227 -6.63 -14.99 7.13
N LEU A 228 -6.11 -15.91 7.93
CA LEU A 228 -4.80 -16.50 7.75
C LEU A 228 -4.89 -17.42 6.54
N LYS A 229 -3.96 -17.32 5.60
CA LYS A 229 -3.96 -18.31 4.49
C LYS A 229 -2.54 -18.81 4.21
N ILE A 230 -2.40 -20.11 4.06
CA ILE A 230 -1.09 -20.70 3.73
C ILE A 230 -1.13 -20.92 2.23
N SER A 231 -0.33 -20.16 1.51
CA SER A 231 -0.25 -20.18 0.03
C SER A 231 0.50 -21.43 -0.37
N ARG A 232 1.72 -21.54 0.12
CA ARG A 232 2.61 -22.67 -0.19
C ARG A 232 3.80 -22.70 0.73
N MET A 233 4.35 -23.88 0.98
CA MET A 233 5.51 -23.98 1.87
C MET A 233 6.53 -24.89 1.25
N ASP A 234 7.79 -24.65 1.52
CA ASP A 234 8.86 -25.30 0.72
C ASP A 234 9.15 -26.74 1.16
N LYS A 235 8.96 -27.14 2.43
CA LYS A 235 9.07 -28.54 2.92
C LYS A 235 7.71 -29.04 3.42
N THR A 236 7.47 -30.32 3.21
CA THR A 236 6.27 -31.02 3.71
C THR A 236 6.63 -32.14 4.70
N ALA A 237 7.91 -32.26 4.99
CA ALA A 237 8.39 -33.41 5.77
C ALA A 237 9.68 -33.01 6.45
N GLY A 238 9.91 -33.63 7.59
CA GLY A 238 11.16 -33.47 8.31
C GLY A 238 11.35 -34.58 9.28
N SER A 239 12.52 -34.56 9.91
CA SER A 239 12.86 -35.44 11.05
C SER A 239 12.02 -35.21 12.31
N VAL A 240 11.71 -36.31 12.96
CA VAL A 240 10.92 -36.27 14.22
C VAL A 240 11.68 -35.44 15.27
N ARG A 241 12.97 -35.21 15.06
CA ARG A 241 13.82 -34.44 16.00
C ARG A 241 13.33 -32.99 16.11
N GLY A 242 12.85 -32.47 14.97
CA GLY A 242 12.60 -31.04 14.82
C GLY A 242 13.84 -30.25 14.45
N GLY A 243 13.61 -29.00 14.08
CA GLY A 243 14.71 -28.05 13.86
C GLY A 243 14.95 -27.82 12.40
N ASP A 244 14.12 -28.42 11.56
CA ASP A 244 14.20 -28.27 10.09
C ASP A 244 13.55 -26.94 9.70
N GLU A 245 14.28 -26.13 8.95
CA GLU A 245 13.83 -24.80 8.50
C GLU A 245 12.91 -24.89 7.27
N VAL A 246 11.71 -24.33 7.44
CA VAL A 246 10.64 -24.24 6.42
C VAL A 246 10.33 -22.77 6.07
N TYR A 247 10.19 -22.50 4.76
CA TYR A 247 9.75 -21.21 4.21
C TYR A 247 8.26 -21.35 3.96
N LEU A 248 7.46 -20.57 4.65
CA LEU A 248 5.99 -20.58 4.51
C LEU A 248 5.56 -19.30 3.82
N LEU A 249 4.84 -19.37 2.71
CA LEU A 249 4.33 -18.13 2.07
C LEU A 249 2.88 -17.99 2.49
N CYS A 250 2.53 -16.81 3.01
CA CYS A 250 1.15 -16.57 3.49
C CYS A 250 0.55 -15.25 2.99
N ASP A 251 -0.72 -15.00 3.29
CA ASP A 251 -1.34 -13.68 3.04
C ASP A 251 -0.80 -12.79 4.14
N LYS A 252 -0.94 -11.49 3.97
CA LYS A 252 -0.40 -10.49 4.94
C LYS A 252 -0.69 -10.82 6.42
N VAL A 253 0.37 -10.88 7.22
CA VAL A 253 0.20 -11.10 8.67
C VAL A 253 1.00 -10.05 9.43
N GLN A 254 0.70 -9.93 10.71
CA GLN A 254 1.51 -9.09 11.62
C GLN A 254 2.64 -9.92 12.25
N LYS A 255 3.86 -9.42 12.11
CA LYS A 255 5.08 -10.13 12.62
C LYS A 255 4.88 -10.56 14.06
N ASP A 256 4.19 -9.70 14.82
CA ASP A 256 4.08 -9.74 16.29
C ASP A 256 2.91 -10.60 16.76
N ASP A 257 2.05 -11.04 15.85
CA ASP A 257 0.74 -11.56 16.26
C ASP A 257 0.46 -12.89 15.59
N ILE A 258 1.47 -13.48 14.98
CA ILE A 258 1.28 -14.75 14.25
C ILE A 258 2.10 -15.91 14.84
N GLU A 259 1.62 -17.13 14.65
CA GLU A 259 2.33 -18.31 15.11
C GLU A 259 2.06 -19.50 14.20
N VAL A 260 2.78 -20.58 14.42
CA VAL A 260 2.71 -21.74 13.50
C VAL A 260 2.49 -22.98 14.37
N ARG A 261 1.21 -23.29 14.52
CA ARG A 261 0.75 -24.35 15.43
C ARG A 261 0.70 -25.71 14.76
N PHE A 262 1.53 -26.64 15.26
CA PHE A 262 1.48 -28.06 14.86
C PHE A 262 0.58 -28.80 15.84
N TYR A 263 -0.14 -29.79 15.39
CA TYR A 263 -1.13 -30.44 16.29
C TYR A 263 -1.54 -31.78 15.67
N GLU A 264 -2.33 -32.49 16.46
CA GLU A 264 -2.87 -33.84 16.19
C GLU A 264 -4.32 -33.86 16.65
N ASP A 265 -5.17 -34.44 15.79
CA ASP A 265 -6.60 -34.71 16.11
C ASP A 265 -6.74 -36.09 16.78
N ASP A 266 -6.91 -36.05 18.11
CA ASP A 266 -6.92 -37.24 19.02
C ASP A 266 -7.18 -36.79 20.47
N GLU A 267 -7.36 -37.75 21.37
CA GLU A 267 -7.63 -37.53 22.82
C GLU A 267 -6.34 -37.05 23.50
N ASN A 268 -5.17 -37.28 22.89
CA ASN A 268 -3.83 -36.83 23.37
C ASN A 268 -3.73 -35.31 23.24
N GLY A 269 -4.25 -34.74 22.13
CA GLY A 269 -4.29 -33.29 21.84
C GLY A 269 -2.92 -32.64 21.96
N TRP A 270 -1.94 -33.15 21.21
CA TRP A 270 -0.55 -32.64 21.24
C TRP A 270 -0.47 -31.38 20.41
N GLN A 271 0.31 -30.41 20.89
CA GLN A 271 0.57 -29.19 20.10
C GLN A 271 1.99 -28.74 20.34
N ALA A 272 2.60 -28.17 19.30
CA ALA A 272 3.91 -27.53 19.37
C ALA A 272 3.89 -26.35 18.42
N PHE A 273 4.96 -25.57 18.45
CA PHE A 273 5.06 -24.36 17.59
C PHE A 273 6.35 -24.24 16.75
N GLY A 274 6.23 -23.46 15.68
CA GLY A 274 7.35 -23.04 14.85
C GLY A 274 8.27 -22.16 15.64
N ASP A 275 9.52 -22.14 15.26
CA ASP A 275 10.55 -21.31 15.92
C ASP A 275 11.02 -20.25 14.94
N PHE A 276 10.70 -19.01 15.26
CA PHE A 276 11.05 -17.87 14.39
C PHE A 276 11.13 -16.60 15.22
N SER A 277 11.91 -15.65 14.72
CA SER A 277 12.06 -14.28 15.24
C SER A 277 11.23 -13.38 14.34
N PRO A 278 10.83 -12.18 14.80
CA PRO A 278 10.20 -11.20 13.91
C PRO A 278 10.89 -10.98 12.56
N THR A 279 12.22 -11.01 12.55
CA THR A 279 12.99 -10.75 11.30
C THR A 279 12.80 -11.94 10.38
N ASP A 280 12.31 -13.05 10.92
CA ASP A 280 12.01 -14.26 10.15
C ASP A 280 10.68 -14.14 9.41
N VAL A 281 9.84 -13.20 9.83
CA VAL A 281 8.60 -12.91 9.11
C VAL A 281 8.99 -11.85 8.11
N HIS A 282 9.05 -12.25 6.85
CA HIS A 282 9.49 -11.39 5.72
C HIS A 282 8.38 -10.54 5.09
N LYS A 283 8.47 -9.21 5.24
CA LYS A 283 7.55 -8.24 4.59
C LYS A 283 6.08 -8.71 4.66
N GLN A 284 5.70 -9.25 5.82
CA GLN A 284 4.33 -9.70 6.16
C GLN A 284 3.72 -10.78 5.27
N TYR A 285 4.52 -11.36 4.39
CA TYR A 285 4.03 -12.39 3.42
C TYR A 285 4.77 -13.73 3.45
N ALA A 286 5.71 -13.90 4.36
CA ALA A 286 6.51 -15.14 4.41
C ALA A 286 7.04 -15.27 5.81
N ILE A 287 7.18 -16.51 6.24
CA ILE A 287 7.70 -16.88 7.57
C ILE A 287 8.77 -17.95 7.38
N VAL A 288 9.96 -17.71 7.89
CA VAL A 288 11.03 -18.74 7.87
C VAL A 288 11.06 -19.23 9.29
N PHE A 289 10.67 -20.47 9.47
CA PHE A 289 10.64 -21.07 10.82
C PHE A 289 11.32 -22.44 10.86
N ARG A 290 11.75 -22.81 12.06
CA ARG A 290 12.33 -24.13 12.33
C ARG A 290 11.27 -24.99 13.00
N THR A 291 11.00 -26.15 12.42
CA THR A 291 10.00 -27.14 12.91
C THR A 291 10.20 -27.46 14.37
N PRO A 292 9.09 -27.80 15.08
CA PRO A 292 9.19 -28.30 16.44
C PRO A 292 9.43 -29.80 16.54
N PRO A 293 10.06 -30.24 17.65
CA PRO A 293 10.19 -31.65 17.99
C PRO A 293 8.87 -32.39 18.15
N TYR A 294 8.77 -33.61 17.60
CA TYR A 294 7.57 -34.43 17.80
C TYR A 294 7.53 -34.91 19.25
N HIS A 295 6.33 -35.24 19.73
CA HIS A 295 6.09 -35.60 21.15
C HIS A 295 6.73 -36.93 21.59
N LYS A 296 7.08 -37.78 20.63
CA LYS A 296 7.92 -38.99 20.81
C LYS A 296 9.26 -38.82 20.08
N MET A 297 10.12 -39.82 20.03
CA MET A 297 11.47 -39.61 19.45
C MET A 297 11.82 -40.73 18.49
N LYS A 298 11.31 -41.92 18.78
CA LYS A 298 11.68 -43.14 18.03
C LYS A 298 10.43 -43.68 17.37
N ILE A 299 10.01 -43.07 16.27
CA ILE A 299 8.83 -43.57 15.52
C ILE A 299 9.23 -44.72 14.63
N GLU A 300 8.42 -45.78 14.65
CA GLU A 300 8.70 -46.97 13.81
C GLU A 300 8.28 -46.71 12.37
N ARG A 301 7.30 -45.84 12.20
CA ARG A 301 6.68 -45.55 10.90
C ARG A 301 6.61 -44.04 10.82
N PRO A 302 6.51 -43.48 9.60
CA PRO A 302 6.29 -42.05 9.44
C PRO A 302 4.88 -41.56 9.76
N VAL A 303 4.76 -40.40 10.40
CA VAL A 303 3.49 -39.90 10.99
C VAL A 303 3.18 -38.54 10.40
N THR A 304 1.94 -38.38 9.97
CA THR A 304 1.44 -37.09 9.45
C THR A 304 0.75 -36.37 10.61
N VAL A 305 1.15 -35.12 10.79
CA VAL A 305 0.55 -34.15 11.72
C VAL A 305 0.05 -33.04 10.82
N PHE A 306 -0.61 -32.07 11.44
CA PHE A 306 -1.12 -30.86 10.76
C PHE A 306 -0.40 -29.66 11.32
N LEU A 307 -0.27 -28.63 10.53
CA LEU A 307 0.22 -27.33 10.99
C LEU A 307 -0.77 -26.31 10.49
N GLN A 308 -0.81 -25.19 11.16
CA GLN A 308 -1.72 -24.09 10.83
C GLN A 308 -1.08 -22.82 11.32
N LEU A 309 -1.43 -21.74 10.67
CA LEU A 309 -1.16 -20.39 11.14
C LEU A 309 -2.23 -20.09 12.16
N LYS A 310 -1.83 -19.41 13.21
CA LYS A 310 -2.77 -19.03 14.29
C LYS A 310 -2.40 -17.63 14.73
N ARG A 311 -3.43 -16.86 15.02
CA ARG A 311 -3.35 -15.49 15.51
C ARG A 311 -3.19 -15.58 17.02
N LYS A 312 -2.19 -14.88 17.56
CA LYS A 312 -1.81 -14.97 18.99
C LYS A 312 -2.96 -14.46 19.86
N ARG A 313 -3.34 -13.21 19.66
CA ARG A 313 -4.57 -12.70 20.29
C ARG A 313 -5.69 -12.87 19.29
N GLY A 314 -6.63 -13.80 19.52
CA GLY A 314 -7.79 -14.02 18.64
C GLY A 314 -8.07 -15.49 18.43
N GLY A 315 -7.01 -16.25 18.15
CA GLY A 315 -7.14 -17.72 18.07
C GLY A 315 -7.71 -18.21 16.75
N ASP A 316 -7.82 -17.34 15.75
CA ASP A 316 -8.35 -17.78 14.44
C ASP A 316 -7.17 -18.39 13.74
N VAL A 317 -7.48 -19.34 12.89
CA VAL A 317 -6.44 -20.13 12.18
C VAL A 317 -6.63 -20.03 10.68
N SER A 318 -5.59 -20.45 10.00
CA SER A 318 -5.66 -20.76 8.56
C SER A 318 -6.06 -22.23 8.44
N ASP A 319 -6.57 -22.60 7.27
CA ASP A 319 -6.71 -24.00 6.86
C ASP A 319 -5.35 -24.65 6.99
N SER A 320 -5.35 -25.79 7.65
CA SER A 320 -4.13 -26.60 7.97
C SER A 320 -3.56 -27.33 6.75
N LYS A 321 -2.24 -27.32 6.64
CA LYS A 321 -1.48 -28.17 5.71
C LYS A 321 -0.90 -29.29 6.56
N GLN A 322 -0.70 -30.43 5.90
CA GLN A 322 -0.08 -31.66 6.48
C GLN A 322 1.44 -31.59 6.47
N PHE A 323 2.05 -32.17 7.50
CA PHE A 323 3.50 -32.28 7.62
C PHE A 323 3.75 -33.67 8.14
N THR A 324 4.76 -34.34 7.58
CA THR A 324 5.02 -35.75 7.89
C THR A 324 6.36 -35.85 8.61
N TYR A 325 6.34 -36.42 9.79
CA TYR A 325 7.53 -36.78 10.58
C TYR A 325 8.11 -38.06 10.01
N TYR A 326 9.41 -38.08 9.75
CA TYR A 326 10.07 -39.15 8.97
C TYR A 326 9.48 -39.26 7.56
N THR C 34 29.03 23.06 -27.58
CA THR C 34 29.62 23.68 -28.79
C THR C 34 30.31 25.01 -28.41
N ALA C 35 31.60 25.20 -28.74
CA ALA C 35 32.42 26.38 -28.38
C ALA C 35 32.14 27.56 -29.35
N ASP C 36 30.88 27.97 -29.48
CA ASP C 36 30.42 29.07 -30.38
C ASP C 36 29.65 30.08 -29.52
N GLY C 37 30.17 30.31 -28.32
CA GLY C 37 29.51 31.14 -27.29
C GLY C 37 29.90 30.67 -25.86
N PRO C 38 29.37 31.31 -24.78
CA PRO C 38 29.43 30.74 -23.43
C PRO C 38 28.38 29.64 -23.30
N TYR C 39 28.64 28.60 -22.53
CA TYR C 39 27.75 27.44 -22.46
C TYR C 39 27.87 26.76 -21.11
N LEU C 40 26.84 26.02 -20.74
CA LEU C 40 26.75 25.28 -19.46
C LEU C 40 27.26 23.86 -19.71
N VAL C 41 27.90 23.25 -18.71
CA VAL C 41 28.15 21.79 -18.78
C VAL C 41 27.85 21.19 -17.42
N ILE C 42 27.20 20.05 -17.43
CA ILE C 42 26.90 19.32 -16.17
C ILE C 42 28.17 18.58 -15.73
N VAL C 43 28.80 19.07 -14.68
CA VAL C 43 30.04 18.45 -14.13
C VAL C 43 29.73 17.14 -13.42
N GLU C 44 28.56 17.07 -12.81
CA GLU C 44 28.07 15.90 -12.01
C GLU C 44 26.55 15.82 -12.17
N GLN C 45 26.09 14.81 -12.90
CA GLN C 45 24.64 14.56 -13.12
C GLN C 45 23.94 14.20 -11.82
N PRO C 46 22.59 14.29 -11.72
CA PRO C 46 21.90 13.81 -10.53
C PRO C 46 21.80 12.27 -10.53
N LYS C 47 21.62 11.66 -9.38
CA LYS C 47 21.53 10.20 -9.26
C LYS C 47 20.27 9.81 -10.00
N GLN C 48 20.40 8.83 -10.87
CA GLN C 48 19.23 8.30 -11.63
C GLN C 48 18.24 7.49 -10.79
N ARG C 49 18.75 6.72 -9.83
CA ARG C 49 17.88 5.84 -9.00
C ARG C 49 18.18 5.95 -7.51
N GLY C 50 17.14 5.77 -6.71
CA GLY C 50 17.28 5.76 -5.27
C GLY C 50 16.81 7.04 -4.62
N PHE C 51 16.40 8.03 -5.40
CA PHE C 51 15.91 9.29 -4.79
C PHE C 51 14.39 9.30 -4.70
N ARG C 52 13.90 9.66 -3.53
CA ARG C 52 12.45 9.66 -3.30
C ARG C 52 11.85 11.06 -3.50
N PHE C 53 10.82 11.15 -4.34
CA PHE C 53 10.05 12.39 -4.54
C PHE C 53 9.04 12.45 -3.41
N ARG C 54 8.91 13.60 -2.80
CA ARG C 54 8.01 13.79 -1.63
C ARG C 54 6.74 14.55 -1.95
N TYR C 55 5.62 14.12 -1.38
CA TYR C 55 4.35 14.84 -1.49
C TYR C 55 4.42 16.00 -0.50
N GLY C 56 3.66 17.07 -0.74
CA GLY C 56 3.78 18.29 0.06
C GLY C 56 3.52 18.01 1.52
N CYS C 57 2.69 17.01 1.77
CA CYS C 57 2.24 16.71 3.15
C CYS C 57 3.25 15.91 3.95
N GLU C 58 4.20 15.27 3.30
CA GLU C 58 5.14 14.39 4.04
C GLU C 58 6.08 15.24 4.90
N GLY C 59 6.37 16.44 4.42
CA GLY C 59 7.35 17.29 5.09
C GLY C 59 8.23 18.02 4.09
N PRO C 60 8.96 19.02 4.58
CA PRO C 60 9.71 19.90 3.69
C PRO C 60 11.20 19.55 3.57
N SER C 61 11.70 18.66 4.43
CA SER C 61 13.16 18.55 4.69
C SER C 61 13.57 17.12 4.94
N HIS C 62 13.44 16.31 3.90
CA HIS C 62 13.69 14.85 3.95
C HIS C 62 14.97 14.48 3.21
N GLY C 63 15.66 15.42 2.59
CA GLY C 63 17.03 15.15 2.12
C GLY C 63 17.18 15.44 0.64
N GLY C 64 18.40 15.81 0.24
CA GLY C 64 18.66 16.46 -1.05
C GLY C 64 18.92 15.49 -2.17
N LEU C 65 18.42 15.79 -3.39
CA LEU C 65 18.77 15.02 -4.58
C LEU C 65 20.29 15.05 -4.69
N PRO C 66 20.99 13.92 -4.49
CA PRO C 66 22.46 13.88 -4.60
C PRO C 66 23.07 13.71 -6.02
N GLY C 67 24.39 13.68 -6.10
CA GLY C 67 25.09 13.48 -7.38
C GLY C 67 25.12 12.04 -7.84
N ALA C 68 25.49 11.84 -9.09
CA ALA C 68 25.39 10.48 -9.68
C ALA C 68 26.41 9.56 -8.98
N SER C 69 27.46 10.18 -8.45
CA SER C 69 28.55 9.48 -7.75
C SER C 69 28.63 9.81 -6.26
N SER C 70 27.48 10.05 -5.64
CA SER C 70 27.40 10.26 -4.18
C SER C 70 27.66 8.94 -3.45
N GLU C 71 28.07 9.03 -2.19
CA GLU C 71 28.25 7.83 -1.32
C GLU C 71 28.31 8.27 0.14
N LYS C 72 28.02 7.34 1.05
CA LYS C 72 27.98 7.58 2.51
C LYS C 72 29.33 8.17 2.93
N GLY C 73 29.31 9.34 3.60
CA GLY C 73 30.54 10.06 4.01
C GLY C 73 31.04 11.01 2.94
N ARG C 74 31.21 10.53 1.70
CA ARG C 74 31.57 11.36 0.51
C ARG C 74 30.31 11.69 -0.28
N LYS C 75 29.75 12.86 -0.09
CA LYS C 75 28.48 13.21 -0.77
C LYS C 75 28.77 14.06 -1.97
N THR C 76 28.07 13.86 -3.08
CA THR C 76 28.18 14.76 -4.21
C THR C 76 26.75 15.24 -4.49
N TYR C 77 26.62 16.38 -5.14
CA TYR C 77 25.32 16.97 -5.55
C TYR C 77 25.45 17.31 -7.02
N PRO C 78 24.34 17.43 -7.77
CA PRO C 78 24.44 17.83 -9.17
C PRO C 78 25.20 19.16 -9.30
N THR C 79 26.17 19.20 -10.21
CA THR C 79 27.09 20.34 -10.41
C THR C 79 27.14 20.67 -11.89
N VAL C 80 27.24 21.95 -12.17
CA VAL C 80 27.31 22.48 -13.55
C VAL C 80 28.33 23.61 -13.56
N LYS C 81 28.91 23.91 -14.70
CA LYS C 81 29.88 24.99 -14.77
C LYS C 81 29.66 25.79 -16.05
N ILE C 82 29.88 27.09 -15.94
CA ILE C 82 29.96 27.96 -17.15
C ILE C 82 31.36 27.95 -17.78
N CYS C 83 31.46 27.64 -19.06
CA CYS C 83 32.68 27.67 -19.84
C CYS C 83 32.57 28.81 -20.84
N ASN C 84 33.74 29.34 -21.19
CA ASN C 84 33.97 30.38 -22.22
C ASN C 84 33.48 31.71 -21.72
N TYR C 85 33.59 31.95 -20.41
CA TYR C 85 33.11 33.19 -19.76
C TYR C 85 33.54 33.17 -18.30
N GLU C 86 33.81 34.35 -17.72
CA GLU C 86 34.13 34.58 -16.29
C GLU C 86 33.35 35.80 -15.82
N GLY C 87 33.09 35.91 -14.52
CA GLY C 87 32.30 36.99 -13.92
C GLY C 87 30.93 36.49 -13.50
N PRO C 88 30.01 37.42 -13.17
CA PRO C 88 28.71 37.07 -12.62
C PRO C 88 27.75 36.31 -13.55
N ALA C 89 27.25 35.17 -13.08
CA ALA C 89 26.00 34.58 -13.63
C ALA C 89 25.09 34.06 -12.53
N LYS C 90 23.81 33.88 -12.86
CA LYS C 90 22.84 33.23 -11.99
C LYS C 90 22.23 32.06 -12.78
N ILE C 91 22.32 30.85 -12.21
CA ILE C 91 21.80 29.61 -12.88
C ILE C 91 20.54 29.15 -12.18
N GLU C 92 19.48 28.94 -12.94
CA GLU C 92 18.22 28.36 -12.43
C GLU C 92 18.27 26.87 -12.75
N VAL C 93 17.47 26.10 -12.03
CA VAL C 93 17.22 24.68 -12.33
C VAL C 93 15.73 24.48 -12.13
N ASP C 94 15.10 23.62 -12.92
CA ASP C 94 13.66 23.40 -12.89
C ASP C 94 13.38 22.05 -13.53
N LEU C 95 12.23 21.49 -13.26
CA LEU C 95 12.00 20.10 -13.73
C LEU C 95 11.29 20.04 -15.11
N VAL C 96 11.94 19.33 -16.01
CA VAL C 96 11.37 19.07 -17.36
C VAL C 96 10.99 17.62 -17.53
N THR C 97 10.08 17.41 -18.48
CA THR C 97 9.64 16.04 -18.82
C THR C 97 10.79 15.19 -19.30
N HIS C 98 10.56 13.88 -19.25
CA HIS C 98 11.45 12.81 -19.72
C HIS C 98 11.46 12.82 -21.24
N SER C 99 10.32 13.21 -21.78
CA SER C 99 10.03 13.30 -23.23
C SER C 99 11.04 14.27 -23.83
N ASP C 100 11.57 14.02 -25.03
CA ASP C 100 12.80 14.74 -25.39
C ASP C 100 12.48 16.16 -25.76
N PRO C 101 11.32 16.58 -26.29
CA PRO C 101 11.08 18.00 -26.41
C PRO C 101 10.89 18.44 -24.96
N PRO C 102 11.89 19.10 -24.34
CA PRO C 102 11.83 19.38 -22.91
C PRO C 102 10.67 20.32 -22.70
N ARG C 103 9.77 19.89 -21.84
CA ARG C 103 8.59 20.61 -21.44
C ARG C 103 8.65 20.75 -19.92
N ALA C 104 7.94 21.71 -19.37
CA ALA C 104 7.88 21.88 -17.88
C ALA C 104 7.06 20.76 -17.23
N HIS C 105 7.61 20.16 -16.17
CA HIS C 105 6.96 19.08 -15.41
C HIS C 105 6.05 19.64 -14.32
N ALA C 106 4.99 18.86 -14.00
CA ALA C 106 3.98 19.24 -13.01
C ALA C 106 4.68 19.32 -11.65
N HIS C 107 5.76 18.56 -11.48
CA HIS C 107 6.51 18.54 -10.20
C HIS C 107 7.37 19.80 -10.10
N SER C 108 7.66 20.20 -8.88
CA SER C 108 8.53 21.38 -8.60
C SER C 108 9.74 21.01 -7.74
N LEU C 109 10.86 21.68 -7.99
CA LEU C 109 12.03 21.57 -7.11
C LEU C 109 11.70 22.33 -5.83
N VAL C 110 12.07 21.78 -4.70
CA VAL C 110 11.84 22.52 -3.45
C VAL C 110 13.17 22.62 -2.71
N GLY C 111 13.27 23.55 -1.77
CA GLY C 111 14.39 23.60 -0.80
C GLY C 111 15.12 24.92 -0.69
N LYS C 112 16.34 24.87 -0.14
CA LYS C 112 16.99 26.07 0.45
C LYS C 112 17.13 27.14 -0.64
N GLN C 113 17.51 26.73 -1.84
CA GLN C 113 17.87 27.68 -2.93
C GLN C 113 16.59 28.11 -3.72
N CYS C 114 15.40 27.77 -3.32
CA CYS C 114 14.24 27.80 -4.24
C CYS C 114 13.27 28.91 -3.81
N SER C 115 12.86 29.64 -4.82
CA SER C 115 11.79 30.66 -4.81
C SER C 115 10.47 29.93 -4.82
N GLU C 116 9.45 30.69 -4.50
CA GLU C 116 8.06 30.17 -4.45
C GLU C 116 7.70 29.36 -5.69
N LEU C 117 8.21 29.87 -6.80
CA LEU C 117 7.77 29.58 -8.16
C LEU C 117 8.27 28.21 -8.58
N GLY C 118 9.06 27.58 -7.71
CA GLY C 118 9.57 26.24 -7.95
C GLY C 118 10.79 26.27 -8.84
N ILE C 119 11.36 27.43 -9.11
CA ILE C 119 12.63 27.50 -9.85
C ILE C 119 13.67 27.88 -8.81
N CYS C 120 14.76 27.14 -8.83
CA CYS C 120 15.88 27.31 -7.91
C CYS C 120 17.01 28.00 -8.70
N ALA C 121 17.84 28.69 -7.98
CA ALA C 121 18.90 29.51 -8.56
C ALA C 121 20.05 29.45 -7.60
N VAL C 122 21.24 29.16 -8.14
CA VAL C 122 22.50 29.62 -7.45
C VAL C 122 23.28 30.60 -8.33
N SER C 123 23.99 31.51 -7.65
CA SER C 123 24.77 32.57 -8.27
C SER C 123 26.23 32.11 -8.36
N VAL C 124 26.81 32.17 -9.55
CA VAL C 124 28.21 31.73 -9.77
C VAL C 124 29.13 32.96 -9.71
N GLY C 125 29.96 33.01 -8.66
CA GLY C 125 30.89 34.15 -8.44
C GLY C 125 32.01 34.20 -9.46
N PRO C 126 32.62 35.39 -9.70
CA PRO C 126 33.54 35.51 -10.84
C PRO C 126 34.79 34.62 -10.92
N LYS C 127 35.14 33.94 -9.84
CA LYS C 127 36.38 33.18 -9.73
C LYS C 127 36.09 31.72 -10.03
N ASP C 128 35.15 31.13 -9.30
CA ASP C 128 34.76 29.73 -9.45
C ASP C 128 33.47 29.74 -10.26
N MET C 129 33.49 29.11 -11.43
CA MET C 129 32.36 29.19 -12.37
C MET C 129 31.51 27.93 -12.32
N THR C 130 31.56 27.24 -11.19
CA THR C 130 30.84 26.00 -10.91
C THR C 130 29.73 26.26 -9.88
N ALA C 131 28.55 25.71 -10.12
CA ALA C 131 27.44 25.76 -9.15
C ALA C 131 27.10 24.33 -8.74
N GLN C 132 27.22 24.06 -7.46
CA GLN C 132 26.55 22.89 -6.79
C GLN C 132 25.10 23.18 -6.35
N PHE C 133 24.17 22.30 -6.65
CA PHE C 133 22.82 22.30 -6.03
C PHE C 133 22.73 21.19 -5.01
N ASN C 134 22.88 21.54 -3.74
CA ASN C 134 23.19 20.54 -2.71
C ASN C 134 21.93 20.26 -1.89
N ASN C 135 20.83 20.97 -2.13
CA ASN C 135 19.66 20.78 -1.27
C ASN C 135 18.39 20.85 -2.08
N LEU C 136 18.22 19.90 -2.98
CA LEU C 136 17.13 19.89 -3.97
C LEU C 136 16.12 18.81 -3.62
N GLY C 137 14.85 19.21 -3.46
CA GLY C 137 13.76 18.24 -3.27
C GLY C 137 12.89 18.20 -4.48
N VAL C 138 12.04 17.19 -4.60
CA VAL C 138 11.08 17.10 -5.72
C VAL C 138 9.70 16.98 -5.11
N LEU C 139 8.89 18.03 -5.19
CA LEU C 139 7.57 18.06 -4.58
C LEU C 139 6.64 17.33 -5.50
N HIS C 140 6.05 16.24 -5.05
CA HIS C 140 5.13 15.42 -5.87
C HIS C 140 3.72 16.03 -5.94
N VAL C 141 3.25 16.41 -7.12
CA VAL C 141 1.87 16.97 -7.18
C VAL C 141 0.93 15.79 -7.27
N THR C 142 -0.23 15.87 -6.62
CA THR C 142 -1.28 14.87 -6.79
C THR C 142 -1.88 15.02 -8.18
N LYS C 143 -2.50 13.96 -8.65
CA LYS C 143 -3.13 13.94 -10.00
C LYS C 143 -4.29 14.92 -10.02
N LYS C 144 -4.85 15.16 -8.83
CA LYS C 144 -6.00 16.05 -8.60
C LYS C 144 -5.48 17.49 -8.60
N ASN C 145 -4.17 17.64 -8.45
CA ASN C 145 -3.55 18.98 -8.45
C ASN C 145 -2.94 19.33 -9.79
N MET C 146 -2.61 18.29 -10.54
CA MET C 146 -1.84 18.41 -11.78
C MET C 146 -2.37 19.44 -12.78
N MET C 147 -3.68 19.45 -13.03
CA MET C 147 -4.25 20.45 -13.97
C MET C 147 -3.95 21.90 -13.58
N GLY C 148 -4.39 22.26 -12.37
CA GLY C 148 -4.19 23.61 -11.85
C GLY C 148 -2.73 24.01 -11.83
N THR C 149 -1.88 23.10 -11.40
CA THR C 149 -0.40 23.31 -11.30
C THR C 149 0.12 23.50 -12.72
N MET C 150 -0.44 22.74 -13.64
CA MET C 150 -0.03 22.80 -15.05
C MET C 150 -0.47 24.11 -15.70
N ILE C 151 -1.77 24.49 -15.60
CA ILE C 151 -2.27 25.76 -16.22
C ILE C 151 -1.42 26.92 -15.67
N GLN C 152 -1.12 26.86 -14.38
CA GLN C 152 -0.40 27.93 -13.67
C GLN C 152 1.06 28.12 -14.09
N LYS C 153 1.73 27.04 -14.43
CA LYS C 153 3.14 27.12 -14.88
C LYS C 153 3.13 27.50 -16.35
N LEU C 154 2.04 27.15 -17.05
CA LEU C 154 1.92 27.41 -18.50
C LEU C 154 1.59 28.89 -18.75
N GLN C 155 0.84 29.48 -17.85
CA GLN C 155 0.42 30.90 -17.95
C GLN C 155 1.69 31.69 -17.75
N ARG C 156 2.28 31.47 -16.58
CA ARG C 156 3.53 32.14 -16.18
C ARG C 156 4.53 32.04 -17.31
N GLN C 157 4.56 30.89 -18.00
CA GLN C 157 5.48 30.73 -19.13
C GLN C 157 5.09 31.70 -20.26
N ARG C 158 3.80 31.74 -20.57
CA ARG C 158 3.27 32.44 -21.74
C ARG C 158 3.02 33.93 -21.44
N LEU C 159 3.50 34.49 -20.32
CA LEU C 159 3.14 35.88 -19.92
C LEU C 159 4.36 36.77 -20.11
N ARG C 160 4.55 37.30 -21.32
CA ARG C 160 5.55 38.36 -21.63
C ARG C 160 4.84 39.52 -22.37
N SER C 161 4.28 39.26 -23.55
CA SER C 161 3.81 40.31 -24.51
C SER C 161 2.33 40.62 -24.30
N ARG C 162 2.04 41.92 -24.11
CA ARG C 162 0.70 42.51 -23.82
C ARG C 162 -0.14 41.50 -23.04
N PRO C 163 0.20 41.22 -21.76
CA PRO C 163 -0.42 40.15 -20.97
C PRO C 163 -1.93 40.19 -20.61
N GLN C 164 -2.44 41.38 -20.32
CA GLN C 164 -3.84 41.54 -19.85
C GLN C 164 -4.93 41.05 -20.81
N GLY C 165 -4.80 41.26 -22.12
CA GLY C 165 -5.87 40.95 -23.08
C GLY C 165 -5.61 39.74 -23.94
N LEU C 166 -4.34 39.36 -23.97
CA LEU C 166 -3.83 38.14 -24.62
C LEU C 166 -4.32 36.92 -23.85
N THR C 167 -4.08 36.95 -22.56
CA THR C 167 -4.29 35.83 -21.64
C THR C 167 -5.71 35.27 -21.81
N GLU C 168 -6.72 36.12 -21.70
CA GLU C 168 -8.13 35.67 -21.71
C GLU C 168 -8.51 35.06 -23.05
N ALA C 169 -7.99 35.68 -24.11
CA ALA C 169 -8.32 35.30 -25.47
C ALA C 169 -7.86 33.87 -25.68
N GLU C 170 -6.69 33.47 -25.17
CA GLU C 170 -6.16 32.15 -25.55
C GLU C 170 -6.01 31.17 -24.39
N GLN C 171 -6.76 31.28 -23.30
CA GLN C 171 -6.60 30.37 -22.17
C GLN C 171 -7.44 29.12 -22.37
N ARG C 172 -8.48 29.18 -23.19
CA ARG C 172 -9.23 27.93 -23.52
C ARG C 172 -8.29 27.03 -24.31
N GLU C 173 -7.58 27.57 -25.30
CA GLU C 173 -6.65 26.83 -26.18
C GLU C 173 -5.23 26.74 -25.59
N LEU C 174 -5.03 27.19 -24.38
CA LEU C 174 -3.83 26.91 -23.58
C LEU C 174 -4.18 25.58 -22.88
N GLU C 175 -5.34 25.58 -22.28
CA GLU C 175 -5.90 24.48 -21.47
C GLU C 175 -5.95 23.21 -22.31
N GLN C 176 -5.86 23.33 -23.62
CA GLN C 176 -5.86 22.16 -24.51
C GLN C 176 -4.57 21.35 -24.30
N GLU C 177 -3.45 22.06 -24.17
CA GLU C 177 -2.16 21.39 -24.01
C GLU C 177 -2.23 20.65 -22.70
N ALA C 178 -2.60 21.38 -21.66
CA ALA C 178 -2.71 20.84 -20.29
C ALA C 178 -3.37 19.48 -20.25
N LYS C 179 -4.53 19.34 -20.86
CA LYS C 179 -5.30 18.07 -20.87
C LYS C 179 -4.49 16.97 -21.56
N GLU C 180 -4.05 17.25 -22.76
CA GLU C 180 -3.30 16.26 -23.58
C GLU C 180 -1.83 16.15 -23.16
N LEU C 181 -1.43 16.88 -22.12
CA LEU C 181 -0.05 16.81 -21.62
C LEU C 181 -0.11 15.98 -20.36
N LYS C 182 -1.25 16.06 -19.67
CA LYS C 182 -1.48 15.31 -18.42
C LYS C 182 -1.66 13.82 -18.61
N LYS C 183 -2.28 13.41 -19.73
CA LYS C 183 -2.50 11.95 -19.97
C LYS C 183 -1.19 11.22 -20.34
N VAL C 184 -0.17 11.97 -20.77
CA VAL C 184 1.07 11.40 -21.37
C VAL C 184 2.33 11.79 -20.60
N MET C 185 2.19 12.33 -19.41
CA MET C 185 3.34 12.76 -18.60
C MET C 185 3.58 11.79 -17.44
N ASP C 186 4.81 11.29 -17.38
CA ASP C 186 5.25 10.33 -16.35
C ASP C 186 5.63 11.08 -15.07
N LEU C 187 4.84 10.90 -14.03
CA LEU C 187 5.12 11.61 -12.76
C LEU C 187 6.22 10.93 -11.95
N SER C 188 6.80 9.86 -12.46
CA SER C 188 7.86 9.14 -11.74
C SER C 188 9.23 9.40 -12.33
N ILE C 189 9.28 10.10 -13.47
CA ILE C 189 10.58 10.46 -14.07
C ILE C 189 10.67 11.95 -14.38
N VAL C 190 11.73 12.59 -13.91
CA VAL C 190 12.00 14.01 -14.22
C VAL C 190 13.42 14.17 -14.72
N ARG C 191 13.69 15.32 -15.32
CA ARG C 191 15.04 15.75 -15.71
C ARG C 191 15.26 17.15 -15.19
N LEU C 192 16.44 17.42 -14.67
CA LEU C 192 16.86 18.78 -14.31
C LEU C 192 17.11 19.55 -15.59
N ARG C 193 16.71 20.80 -15.62
CA ARG C 193 17.04 21.71 -16.72
C ARG C 193 17.71 22.91 -16.09
N PHE C 194 18.98 23.07 -16.40
CA PHE C 194 19.84 24.17 -15.93
C PHE C 194 19.79 25.29 -16.94
N SER C 195 19.40 26.47 -16.51
CA SER C 195 19.26 27.63 -17.40
C SER C 195 20.16 28.68 -16.84
N ALA C 196 21.28 28.93 -17.52
CA ALA C 196 22.24 29.98 -17.07
C ALA C 196 21.93 31.35 -17.69
N PHE C 197 22.09 32.40 -16.91
CA PHE C 197 21.75 33.79 -17.30
C PHE C 197 22.88 34.73 -16.89
N LEU C 198 23.38 35.44 -17.89
CA LEU C 198 24.43 36.44 -17.71
C LEU C 198 23.79 37.81 -17.52
N ARG C 199 24.58 38.68 -16.89
CA ARG C 199 24.18 40.08 -16.61
C ARG C 199 24.13 40.85 -17.94
N ALA C 200 22.92 41.18 -18.42
CA ALA C 200 22.68 42.19 -19.48
C ALA C 200 22.68 43.55 -18.77
N SER C 201 23.75 44.35 -18.88
CA SER C 201 23.93 45.57 -18.05
C SER C 201 22.80 46.57 -18.32
N ASP C 202 22.09 46.48 -19.46
CA ASP C 202 20.76 47.12 -19.72
C ASP C 202 19.68 46.33 -18.95
N GLY C 203 19.16 46.88 -17.85
CA GLY C 203 18.55 46.09 -16.76
C GLY C 203 19.63 45.25 -16.09
N SER C 204 19.36 43.97 -15.78
CA SER C 204 20.39 42.98 -15.35
C SER C 204 19.83 41.55 -15.47
N PHE C 205 20.75 40.58 -15.61
CA PHE C 205 20.53 39.12 -15.42
C PHE C 205 19.29 38.58 -16.13
N SER C 206 19.03 39.02 -17.35
CA SER C 206 17.95 38.43 -18.17
C SER C 206 18.59 37.89 -19.45
N LEU C 207 19.93 37.88 -19.52
CA LEU C 207 20.60 37.37 -20.75
C LEU C 207 20.75 35.86 -20.73
N PRO C 208 20.10 35.11 -21.65
CA PRO C 208 20.14 33.65 -21.61
C PRO C 208 21.22 32.94 -22.43
N LEU C 209 21.80 31.88 -21.86
CA LEU C 209 22.58 30.83 -22.51
C LEU C 209 21.61 29.73 -22.94
N LYS C 210 22.01 28.92 -23.88
CA LYS C 210 21.24 27.69 -24.24
C LYS C 210 21.17 26.72 -23.06
N PRO C 211 19.95 26.21 -22.68
CA PRO C 211 19.71 25.36 -21.52
C PRO C 211 20.12 23.90 -21.71
N VAL C 212 20.74 23.39 -20.66
CA VAL C 212 21.31 22.02 -20.64
C VAL C 212 20.47 21.06 -19.80
N ILE C 213 19.95 20.04 -20.44
CA ILE C 213 19.11 18.99 -19.77
C ILE C 213 19.89 17.76 -19.31
N SER C 214 19.71 17.42 -18.05
CA SER C 214 20.38 16.27 -17.39
C SER C 214 19.74 14.97 -17.86
N GLN C 215 20.40 13.88 -17.50
CA GLN C 215 19.89 12.51 -17.63
C GLN C 215 18.77 12.35 -16.61
N PRO C 216 17.84 11.39 -16.82
CA PRO C 216 16.60 11.25 -16.06
C PRO C 216 16.63 10.73 -14.61
N ILE C 217 15.62 11.04 -13.80
CA ILE C 217 15.70 10.79 -12.36
C ILE C 217 14.46 10.03 -12.02
N HIS C 218 14.62 8.79 -11.58
CA HIS C 218 13.44 7.97 -11.24
C HIS C 218 13.05 8.13 -9.78
N ASP C 219 11.74 8.21 -9.54
CA ASP C 219 11.18 8.24 -8.18
C ASP C 219 11.35 6.86 -7.58
N SER C 220 12.12 6.78 -6.49
CA SER C 220 12.40 5.49 -5.81
C SER C 220 11.11 4.90 -5.24
N LYS C 221 10.09 5.72 -5.07
CA LYS C 221 8.85 5.21 -4.48
C LYS C 221 7.86 4.74 -5.54
N SER C 222 8.13 5.02 -6.80
CA SER C 222 7.28 4.48 -7.86
C SER C 222 7.65 3.01 -7.90
N PRO C 223 6.69 2.09 -7.80
CA PRO C 223 7.01 0.65 -7.83
C PRO C 223 8.05 0.23 -8.87
N GLY C 224 8.02 0.89 -10.04
CA GLY C 224 8.87 0.55 -11.19
C GLY C 224 10.35 0.89 -11.06
N ALA C 225 10.76 1.39 -9.92
CA ALA C 225 12.03 2.13 -9.71
C ALA C 225 12.65 1.83 -8.35
N SER C 226 11.96 1.02 -7.56
CA SER C 226 12.52 0.46 -6.29
C SER C 226 13.79 -0.38 -6.45
N ASN C 227 14.73 -0.24 -5.51
CA ASN C 227 16.02 -0.89 -5.65
C ASN C 227 15.83 -2.36 -5.26
N LEU C 228 16.26 -3.20 -6.15
CA LEU C 228 16.08 -4.65 -6.12
C LEU C 228 17.05 -5.20 -5.10
N LYS C 229 16.50 -5.91 -4.14
CA LYS C 229 17.28 -6.56 -3.06
C LYS C 229 16.84 -8.01 -2.94
N ILE C 230 17.77 -8.89 -2.66
CA ILE C 230 17.45 -10.28 -2.21
C ILE C 230 17.69 -10.38 -0.70
N SER C 231 16.68 -10.83 0.00
CA SER C 231 16.71 -11.01 1.47
C SER C 231 17.40 -12.33 1.79
N ARG C 232 16.77 -13.39 1.32
CA ARG C 232 17.11 -14.78 1.66
C ARG C 232 16.60 -15.75 0.63
N MET C 233 17.16 -16.93 0.60
CA MET C 233 16.78 -17.93 -0.41
C MET C 233 16.84 -19.27 0.26
N ASP C 234 15.97 -20.18 -0.14
CA ASP C 234 15.93 -21.44 0.65
C ASP C 234 17.06 -22.40 0.24
N LYS C 235 17.53 -22.46 -1.02
CA LYS C 235 18.69 -23.28 -1.46
C LYS C 235 19.81 -22.38 -1.98
N THR C 236 21.04 -22.79 -1.74
CA THR C 236 22.22 -22.06 -2.22
C THR C 236 23.12 -22.96 -3.05
N ALA C 237 22.58 -24.09 -3.47
CA ALA C 237 23.28 -25.01 -4.35
C ALA C 237 22.25 -25.91 -4.99
N GLY C 238 22.61 -26.43 -6.14
CA GLY C 238 21.78 -27.40 -6.86
C GLY C 238 22.58 -28.05 -7.94
N SER C 239 21.96 -28.88 -8.74
CA SER C 239 22.71 -29.73 -9.72
C SER C 239 23.04 -29.01 -11.03
N VAL C 240 24.27 -29.14 -11.50
CA VAL C 240 24.68 -28.43 -12.71
C VAL C 240 23.94 -29.09 -13.86
N ARG C 241 23.37 -28.30 -14.76
CA ARG C 241 22.50 -28.77 -15.88
C ARG C 241 21.20 -29.36 -15.30
N GLY C 242 20.74 -28.81 -14.20
CA GLY C 242 19.42 -29.11 -13.63
C GLY C 242 18.76 -27.88 -13.07
N GLY C 243 17.44 -27.87 -13.11
CA GLY C 243 16.64 -26.83 -12.47
C GLY C 243 15.90 -27.33 -11.26
N ASP C 244 16.41 -26.99 -10.07
CA ASP C 244 15.70 -27.15 -8.79
C ASP C 244 14.81 -25.95 -8.44
N GLU C 245 13.75 -26.21 -7.69
CA GLU C 245 12.84 -25.16 -7.14
C GLU C 245 13.42 -24.47 -5.90
N VAL C 246 13.57 -23.17 -6.00
CA VAL C 246 14.09 -22.24 -4.97
C VAL C 246 13.01 -21.19 -4.59
N TYR C 247 12.88 -20.94 -3.29
CA TYR C 247 12.05 -19.86 -2.71
C TYR C 247 12.99 -18.70 -2.48
N LEU C 248 12.76 -17.59 -3.16
CA LEU C 248 13.58 -16.38 -3.02
C LEU C 248 12.73 -15.32 -2.32
N LEU C 249 13.20 -14.75 -1.22
CA LEU C 249 12.49 -13.63 -0.58
C LEU C 249 13.16 -12.36 -1.05
N CYS C 250 12.40 -11.42 -1.57
CA CYS C 250 12.96 -10.23 -2.25
C CYS C 250 12.27 -8.93 -1.79
N ASP C 251 12.83 -7.78 -2.18
CA ASP C 251 12.10 -6.50 -1.98
C ASP C 251 10.93 -6.59 -2.92
N LYS C 252 10.11 -5.57 -2.91
CA LYS C 252 8.99 -5.40 -3.88
C LYS C 252 9.47 -5.54 -5.34
N VAL C 253 8.82 -6.44 -6.11
CA VAL C 253 9.04 -6.44 -7.57
C VAL C 253 7.70 -6.45 -8.26
N GLN C 254 7.70 -6.11 -9.54
CA GLN C 254 6.49 -6.33 -10.38
C GLN C 254 6.53 -7.70 -11.05
N LYS C 255 5.46 -8.47 -10.85
CA LYS C 255 5.37 -9.86 -11.36
C LYS C 255 5.79 -9.93 -12.83
N ASP C 256 5.40 -8.94 -13.61
CA ASP C 256 5.53 -8.97 -15.07
C ASP C 256 6.82 -8.33 -15.58
N ASP C 257 7.68 -7.84 -14.69
CA ASP C 257 8.83 -7.04 -15.15
C ASP C 257 10.11 -7.54 -14.51
N ILE C 258 10.07 -8.70 -13.89
CA ILE C 258 11.26 -9.16 -13.11
C ILE C 258 11.86 -10.46 -13.66
N GLU C 259 13.14 -10.65 -13.41
CA GLU C 259 13.82 -11.89 -13.80
C GLU C 259 14.91 -12.25 -12.78
N VAL C 260 15.44 -13.44 -12.94
CA VAL C 260 16.48 -13.96 -12.02
C VAL C 260 17.63 -14.41 -12.91
N ARG C 261 18.56 -13.48 -13.07
CA ARG C 261 19.72 -13.66 -13.97
C ARG C 261 20.90 -14.32 -13.29
N PHE C 262 21.26 -15.52 -13.74
CA PHE C 262 22.52 -16.19 -13.33
C PHE C 262 23.61 -15.81 -14.33
N TYR C 263 24.82 -15.69 -13.86
CA TYR C 263 25.89 -15.01 -14.63
C TYR C 263 27.21 -15.30 -13.96
N GLU C 264 28.29 -15.31 -14.77
CA GLU C 264 29.69 -15.42 -14.30
C GLU C 264 30.55 -14.17 -14.61
N ASP C 265 31.62 -14.00 -13.83
CA ASP C 265 32.83 -13.25 -14.22
C ASP C 265 33.30 -13.87 -15.54
N ASP C 266 33.49 -13.04 -16.58
CA ASP C 266 33.47 -13.41 -18.03
C ASP C 266 34.32 -14.66 -18.32
N GLU C 267 33.67 -15.74 -18.78
CA GLU C 267 34.33 -16.97 -19.33
C GLU C 267 33.92 -17.15 -20.79
N ASN C 268 32.62 -17.02 -21.04
CA ASN C 268 31.99 -16.99 -22.39
C ASN C 268 30.77 -16.06 -22.31
N GLY C 269 30.90 -14.99 -21.50
CA GLY C 269 29.83 -14.06 -21.07
C GLY C 269 28.51 -14.77 -20.85
N TRP C 270 28.50 -15.84 -20.06
CA TRP C 270 27.35 -16.77 -19.95
C TRP C 270 26.28 -16.21 -19.02
N GLN C 271 25.03 -16.34 -19.43
CA GLN C 271 23.87 -15.98 -18.61
C GLN C 271 22.77 -16.99 -18.84
N ALA C 272 22.02 -17.26 -17.78
CA ALA C 272 20.78 -18.05 -17.84
C ALA C 272 19.80 -17.47 -16.86
N PHE C 273 18.57 -17.96 -16.90
CA PHE C 273 17.47 -17.39 -16.09
C PHE C 273 16.66 -18.39 -15.25
N GLY C 274 16.09 -17.87 -14.16
CA GLY C 274 15.11 -18.58 -13.32
C GLY C 274 13.86 -18.83 -14.09
N ASP C 275 13.17 -19.90 -13.75
CA ASP C 275 11.95 -20.34 -14.45
C ASP C 275 10.77 -20.16 -13.50
N PHE C 276 9.89 -19.24 -13.82
CA PHE C 276 8.74 -18.93 -12.96
C PHE C 276 7.73 -18.13 -13.76
N SER C 277 6.44 -18.30 -13.45
CA SER C 277 5.35 -17.52 -14.08
C SER C 277 4.99 -16.43 -13.09
N PRO C 278 4.30 -15.36 -13.53
CA PRO C 278 3.79 -14.34 -12.61
C PRO C 278 3.13 -14.86 -11.32
N THR C 279 2.46 -16.01 -11.42
CA THR C 279 1.74 -16.65 -10.30
C THR C 279 2.76 -17.06 -9.25
N ASP C 280 3.99 -17.25 -9.71
CA ASP C 280 5.09 -17.71 -8.87
C ASP C 280 5.70 -16.58 -8.09
N VAL C 281 5.43 -15.35 -8.50
CA VAL C 281 5.87 -14.16 -7.75
C VAL C 281 4.74 -13.90 -6.78
N HIS C 282 5.01 -14.20 -5.51
CA HIS C 282 4.02 -14.09 -4.40
C HIS C 282 3.93 -12.71 -3.75
N LYS C 283 2.81 -12.02 -3.92
CA LYS C 283 2.55 -10.68 -3.33
C LYS C 283 3.79 -9.78 -3.44
N GLN C 284 4.46 -9.82 -4.58
CA GLN C 284 5.59 -8.93 -4.92
C GLN C 284 6.83 -9.05 -4.03
N TYR C 285 6.83 -10.00 -3.09
CA TYR C 285 7.92 -10.13 -2.10
C TYR C 285 8.58 -11.51 -2.02
N ALA C 286 8.19 -12.42 -2.89
CA ALA C 286 8.76 -13.77 -2.93
C ALA C 286 8.59 -14.28 -4.34
N ILE C 287 9.53 -15.11 -4.74
CA ILE C 287 9.56 -15.74 -6.08
C ILE C 287 9.84 -17.23 -5.88
N VAL C 288 8.97 -18.07 -6.42
CA VAL C 288 9.20 -19.53 -6.42
C VAL C 288 9.64 -19.83 -7.83
N PHE C 289 10.89 -20.18 -7.99
CA PHE C 289 11.45 -20.41 -9.34
C PHE C 289 12.28 -21.69 -9.40
N ARG C 290 12.45 -22.20 -10.62
CA ARG C 290 13.31 -23.36 -10.87
C ARG C 290 14.62 -22.89 -11.49
N THR C 291 15.75 -23.17 -10.86
CA THR C 291 17.10 -22.82 -11.34
C THR C 291 17.34 -23.31 -12.76
N PRO C 292 18.16 -22.57 -13.55
CA PRO C 292 18.45 -22.99 -14.91
C PRO C 292 19.57 -24.01 -14.94
N PRO C 293 19.70 -24.84 -16.00
CA PRO C 293 20.94 -25.59 -16.23
C PRO C 293 22.16 -24.69 -16.46
N TYR C 294 23.30 -25.10 -15.91
CA TYR C 294 24.63 -24.54 -16.29
C TYR C 294 24.91 -24.80 -17.77
N HIS C 295 25.73 -23.95 -18.37
CA HIS C 295 26.17 -24.07 -19.79
C HIS C 295 27.01 -25.32 -20.10
N LYS C 296 27.68 -25.88 -19.09
CA LYS C 296 28.70 -26.94 -19.30
C LYS C 296 28.34 -28.15 -18.46
N MET C 297 27.70 -29.17 -19.04
CA MET C 297 27.21 -30.33 -18.24
C MET C 297 28.38 -31.19 -17.81
N LYS C 298 28.22 -31.83 -16.65
CA LYS C 298 29.29 -32.67 -16.04
C LYS C 298 30.62 -31.91 -15.86
N ILE C 299 30.57 -30.90 -15.02
CA ILE C 299 31.79 -30.20 -14.52
C ILE C 299 32.55 -31.11 -13.56
N GLU C 300 33.86 -31.00 -13.67
CA GLU C 300 34.80 -31.72 -12.79
C GLU C 300 34.35 -31.74 -11.33
N ARG C 301 34.20 -30.54 -10.76
CA ARG C 301 33.72 -30.38 -9.40
C ARG C 301 32.79 -29.17 -9.41
N PRO C 302 32.09 -28.98 -8.28
CA PRO C 302 31.15 -27.86 -8.15
C PRO C 302 31.75 -26.50 -8.47
N VAL C 303 30.95 -25.66 -9.15
CA VAL C 303 31.33 -24.30 -9.60
C VAL C 303 30.31 -23.33 -9.02
N THR C 304 30.83 -22.21 -8.54
CA THR C 304 30.04 -21.10 -8.01
C THR C 304 29.84 -20.10 -9.15
N VAL C 305 28.58 -19.73 -9.34
CA VAL C 305 28.09 -18.73 -10.30
C VAL C 305 27.40 -17.70 -9.42
N PHE C 306 26.91 -16.66 -10.09
CA PHE C 306 26.19 -15.55 -9.42
C PHE C 306 24.74 -15.55 -9.87
N LEU C 307 23.90 -14.92 -9.12
CA LEU C 307 22.48 -14.81 -9.50
C LEU C 307 22.09 -13.43 -9.03
N GLN C 308 21.12 -12.82 -9.67
CA GLN C 308 20.73 -11.45 -9.35
C GLN C 308 19.34 -11.26 -9.89
N LEU C 309 18.61 -10.36 -9.27
CA LEU C 309 17.32 -9.90 -9.78
C LEU C 309 17.64 -8.84 -10.82
N LYS C 310 16.88 -8.86 -11.89
CA LYS C 310 17.01 -7.85 -12.94
C LYS C 310 15.62 -7.44 -13.38
N ARG C 311 15.41 -6.16 -13.60
CA ARG C 311 14.21 -5.65 -14.25
C ARG C 311 14.41 -5.95 -15.72
N LYS C 312 13.29 -6.30 -16.35
CA LYS C 312 13.27 -6.81 -17.78
C LYS C 312 13.61 -5.70 -18.77
N ARG C 313 12.90 -4.58 -18.65
CA ARG C 313 13.13 -3.38 -19.45
C ARG C 313 14.24 -2.52 -18.86
N GLY C 314 14.14 -2.12 -17.61
CA GLY C 314 15.11 -1.28 -16.90
C GLY C 314 16.58 -1.60 -17.09
N GLY C 315 16.99 -2.83 -16.83
CA GLY C 315 18.42 -3.17 -16.78
C GLY C 315 19.09 -2.75 -15.47
N ASP C 316 18.29 -2.44 -14.46
CA ASP C 316 18.79 -2.31 -13.08
C ASP C 316 18.73 -3.70 -12.49
N VAL C 317 19.72 -4.00 -11.67
CA VAL C 317 19.73 -5.30 -10.98
C VAL C 317 20.06 -5.10 -9.53
N SER C 318 19.86 -6.18 -8.77
CA SER C 318 20.18 -6.27 -7.35
C SER C 318 21.63 -6.73 -7.21
N ASP C 319 22.21 -6.45 -6.06
CA ASP C 319 23.47 -7.07 -5.62
C ASP C 319 23.31 -8.57 -5.68
N SER C 320 24.26 -9.21 -6.34
CA SER C 320 24.26 -10.68 -6.59
C SER C 320 24.57 -11.53 -5.36
N LYS C 321 23.85 -12.63 -5.26
CA LYS C 321 24.12 -13.73 -4.30
C LYS C 321 24.74 -14.84 -5.13
N GLN C 322 25.56 -15.66 -4.48
CA GLN C 322 26.25 -16.83 -5.08
C GLN C 322 25.38 -18.07 -5.09
N PHE C 323 25.56 -18.91 -6.10
CA PHE C 323 24.89 -20.21 -6.21
C PHE C 323 25.93 -21.16 -6.73
N THR C 324 25.92 -22.37 -6.20
CA THR C 324 26.95 -23.38 -6.55
C THR C 324 26.28 -24.53 -7.29
N TYR C 325 26.78 -24.79 -8.49
CA TYR C 325 26.34 -25.96 -9.27
C TYR C 325 27.17 -27.17 -8.87
N TYR C 326 26.57 -28.26 -8.44
CA TYR C 326 27.27 -29.48 -8.08
C TYR C 326 27.05 -30.45 -9.24
N PRO C 327 27.91 -31.50 -9.41
CA PRO C 327 27.71 -32.57 -10.40
C PRO C 327 26.96 -33.79 -9.84
#